data_5G32
#
_entry.id   5G32
#
_cell.length_a   52.964
_cell.length_b   52.964
_cell.length_c   130.945
_cell.angle_alpha   90.00
_cell.angle_beta   90.00
_cell.angle_gamma   90.00
#
_symmetry.space_group_name_H-M   'P 41'
#
loop_
_entity.id
_entity.type
_entity.pdbx_description
1 polymer RAD14
2 polymer "5'-D(*GP*CP*TP*CP*TP*AP*6FKP*TP*CP*AP*TP*CP*AP*CP)-3'"
3 polymer "5'-D(*GP*TP*GP*AP*TP*GP*AP*CP*GP*TP*AP*GP*AP*GP)-3'"
4 non-polymer 'ZINC ION'
5 water water
#
loop_
_entity_poly.entity_id
_entity_poly.type
_entity_poly.pdbx_seq_one_letter_code
_entity_poly.pdbx_strand_id
1 'polypeptide(L)'
;MAPKCIECHINIEMDPVLHDVFKLQVCKQCSKEHPEKYALLTKTECKEDYFLTDPELNDEDLFHRLEKPNPHSGTFARMQ
LFVRCEVEAFAFKKWGGEEGLDEEWQRREEGKAHRREKKYGSAWSHPQFEK
;
A,B
2 'polydeoxyribonucleotide' (DG)(DC)(DT)(DC)(DT)(DA)(DC)(6FK)(DT)(DC)(DA)(DT)(DC)(DA)(DC) C,E
3 'polydeoxyribonucleotide' (DG)(DT)(DG)(DA)(DT)(DG)(DA)(DC)(DG)(DT)(DA)(DG)(DA)(DG) D,F
#
loop_
_chem_comp.id
_chem_comp.type
_chem_comp.name
_chem_comp.formula
6FK DNA linking '[(2~{R},3~{S},5~{R})-5-[2-azanyl-8-[ethanoyl(phenyl)amino]-6-oxidanylidene-3~{H}-purin-9-yl]-3-oxidanyl-oxolan-2-yl]methyl dihydrogen phosphate' 'C18 H21 N6 O8 P'
DA DNA linking 2'-DEOXYADENOSINE-5'-MONOPHOSPHATE 'C10 H14 N5 O6 P'
DC DNA linking 2'-DEOXYCYTIDINE-5'-MONOPHOSPHATE 'C9 H14 N3 O7 P'
DG DNA linking 2'-DEOXYGUANOSINE-5'-MONOPHOSPHATE 'C10 H14 N5 O7 P'
DT DNA linking THYMIDINE-5'-MONOPHOSPHATE 'C10 H15 N2 O8 P'
ZN non-polymer 'ZINC ION' 'Zn 2'
#
# COMPACT_ATOMS: atom_id res chain seq x y z
N ALA A 2 30.03 17.33 33.67
CA ALA A 2 29.47 17.05 32.29
C ALA A 2 29.01 15.56 32.14
N PRO A 3 27.95 15.29 31.38
CA PRO A 3 27.29 13.98 31.28
C PRO A 3 28.12 12.84 30.63
N LYS A 4 27.94 11.62 31.16
CA LYS A 4 28.73 10.46 30.77
C LYS A 4 27.93 9.42 29.95
N CYS A 5 28.62 8.78 28.99
CA CYS A 5 28.17 7.59 28.34
C CYS A 5 27.58 6.59 29.33
N ILE A 6 26.32 6.18 29.12
CA ILE A 6 25.67 5.22 30.01
C ILE A 6 26.27 3.83 29.92
N GLU A 7 27.09 3.53 28.94
CA GLU A 7 27.65 2.17 28.84
C GLU A 7 28.94 2.11 29.65
N CYS A 8 29.89 3.01 29.40
CA CYS A 8 31.17 2.97 30.04
C CYS A 8 31.34 3.83 31.31
N HIS A 9 30.48 4.84 31.47
CA HIS A 9 30.52 5.83 32.56
C HIS A 9 31.75 6.78 32.60
N ILE A 10 32.42 6.90 31.45
CA ILE A 10 33.71 7.55 31.31
C ILE A 10 33.72 8.58 30.20
N ASN A 11 33.44 8.16 28.94
CA ASN A 11 33.44 9.09 27.78
C ASN A 11 32.35 10.15 27.93
N ILE A 12 32.72 11.37 27.59
CA ILE A 12 31.77 12.44 27.58
C ILE A 12 31.40 12.83 26.13
N GLU A 13 32.08 12.31 25.09
CA GLU A 13 31.77 12.67 23.69
C GLU A 13 30.96 11.54 23.12
N MET A 14 29.72 11.83 22.73
CA MET A 14 28.77 10.79 22.37
C MET A 14 28.87 10.52 20.89
N ASP A 15 28.54 9.31 20.47
CA ASP A 15 28.50 9.04 19.03
C ASP A 15 27.46 10.01 18.40
N PRO A 16 27.84 10.78 17.35
CA PRO A 16 26.87 11.75 16.78
C PRO A 16 25.58 11.16 16.31
N VAL A 17 25.64 9.99 15.67
CA VAL A 17 24.44 9.38 15.12
C VAL A 17 23.56 8.78 16.21
N LEU A 18 24.11 7.94 17.08
CA LEU A 18 23.30 7.38 18.17
C LEU A 18 22.69 8.44 19.08
N HIS A 19 23.36 9.57 19.23
CA HIS A 19 22.89 10.63 20.07
C HIS A 19 21.88 11.54 19.39
N ASP A 20 22.29 12.09 18.25
CA ASP A 20 21.44 13.06 17.55
C ASP A 20 20.25 12.38 16.99
N VAL A 21 20.42 11.18 16.45
CA VAL A 21 19.34 10.57 15.72
C VAL A 21 18.63 9.60 16.61
N PHE A 22 19.33 8.77 17.37
CA PHE A 22 18.61 7.74 18.16
C PHE A 22 18.41 8.11 19.63
N LYS A 23 18.80 9.34 20.00
CA LYS A 23 18.59 9.84 21.38
C LYS A 23 19.29 9.01 22.48
N LEU A 24 20.45 8.46 22.20
CA LEU A 24 21.16 7.54 23.15
C LEU A 24 22.47 8.21 23.57
N GLN A 25 22.71 8.32 24.87
CA GLN A 25 23.96 8.88 25.42
C GLN A 25 25.00 7.78 25.42
N VAL A 26 25.55 7.51 24.23
CA VAL A 26 26.49 6.39 24.00
C VAL A 26 27.62 6.81 23.07
N CYS A 27 28.83 6.42 23.43
CA CYS A 27 30.03 6.87 22.79
C CYS A 27 30.29 5.92 21.64
N LYS A 28 31.07 6.33 20.65
CA LYS A 28 31.30 5.54 19.46
C LYS A 28 31.91 4.22 19.83
N GLN A 29 32.81 4.22 20.81
CA GLN A 29 33.54 3.00 21.17
C GLN A 29 32.63 1.98 21.83
N CYS A 30 31.80 2.42 22.76
CA CYS A 30 30.86 1.51 23.39
C CYS A 30 29.83 0.96 22.36
N SER A 31 29.38 1.79 21.41
CA SER A 31 28.49 1.25 20.36
C SER A 31 29.14 0.08 19.61
N LYS A 32 30.42 0.20 19.24
CA LYS A 32 31.14 -0.92 18.64
C LYS A 32 31.26 -2.13 19.52
N GLU A 33 31.48 -1.89 20.79
CA GLU A 33 31.68 -2.98 21.74
C GLU A 33 30.34 -3.68 22.08
N HIS A 34 29.19 -3.04 21.77
CA HIS A 34 27.92 -3.62 22.11
C HIS A 34 26.96 -3.62 20.95
N PRO A 35 27.25 -4.41 19.90
CA PRO A 35 26.36 -4.39 18.73
C PRO A 35 24.98 -4.97 18.99
N GLU A 36 24.88 -5.80 20.02
CA GLU A 36 23.62 -6.41 20.42
C GLU A 36 22.61 -5.35 20.84
N LYS A 37 23.08 -4.16 21.21
CA LYS A 37 22.22 -3.01 21.46
C LYS A 37 22.27 -1.93 20.41
N TYR A 38 23.44 -1.67 19.84
CA TYR A 38 23.66 -0.39 19.13
C TYR A 38 23.89 -0.51 17.66
N ALA A 39 23.86 -1.71 17.13
CA ALA A 39 24.15 -1.89 15.72
C ALA A 39 22.99 -1.32 14.91
N LEU A 40 23.29 -0.76 13.73
CA LEU A 40 22.26 -0.18 12.85
C LEU A 40 21.84 -1.19 11.77
N LEU A 41 20.57 -1.35 11.59
CA LEU A 41 20.06 -2.37 10.71
C LEU A 41 19.25 -1.71 9.63
N THR A 42 19.44 -2.14 8.42
CA THR A 42 18.61 -1.69 7.36
C THR A 42 17.18 -2.15 7.57
N LYS A 43 16.29 -1.47 6.89
CA LYS A 43 14.91 -1.88 6.85
C LYS A 43 14.70 -3.36 6.47
N THR A 44 15.38 -3.79 5.40
CA THR A 44 15.34 -5.16 4.99
C THR A 44 15.82 -6.14 6.06
N GLU A 45 16.91 -5.82 6.78
CA GLU A 45 17.40 -6.66 7.90
C GLU A 45 16.38 -6.69 9.01
N CYS A 46 15.67 -5.58 9.27
CA CYS A 46 14.59 -5.59 10.27
C CYS A 46 13.43 -6.53 9.95
N LYS A 47 13.07 -6.68 8.68
CA LYS A 47 12.02 -7.63 8.32
C LYS A 47 12.48 -9.10 8.43
N GLU A 48 13.71 -9.41 8.02
CA GLU A 48 14.18 -10.82 8.01
C GLU A 48 14.51 -11.28 9.39
N ASP A 49 15.06 -10.40 10.21
CA ASP A 49 15.53 -10.80 11.57
C ASP A 49 14.41 -10.81 12.60
N TYR A 50 13.58 -9.79 12.55
CA TYR A 50 12.56 -9.56 13.56
C TYR A 50 11.10 -9.72 13.09
N PHE A 51 10.88 -10.00 11.80
CA PHE A 51 9.56 -10.12 11.20
C PHE A 51 8.67 -8.96 11.50
N LEU A 52 9.21 -7.77 11.33
CA LEU A 52 8.41 -6.53 11.40
C LEU A 52 7.95 -6.26 9.98
N THR A 53 6.82 -5.56 9.86
CA THR A 53 6.19 -5.24 8.56
C THR A 53 6.44 -3.80 8.16
N ASP A 54 6.24 -3.51 6.89
CA ASP A 54 6.34 -2.13 6.41
C ASP A 54 5.56 -1.15 7.23
N PRO A 55 4.30 -1.47 7.57
CA PRO A 55 3.57 -0.49 8.37
C PRO A 55 4.17 -0.19 9.74
N GLU A 56 4.77 -1.18 10.38
CA GLU A 56 5.36 -0.82 11.66
C GLU A 56 6.68 -0.04 11.47
N LEU A 57 7.49 -0.44 10.50
CA LEU A 57 8.76 0.28 10.22
C LEU A 57 8.61 1.66 9.59
N ASN A 58 7.53 1.84 8.84
CA ASN A 58 7.18 3.13 8.28
C ASN A 58 6.56 4.07 9.29
N ASP A 59 6.24 3.60 10.49
CA ASP A 59 5.56 4.41 11.44
C ASP A 59 6.58 5.41 12.02
N GLU A 60 6.48 6.67 11.55
CA GLU A 60 7.33 7.79 12.03
C GLU A 60 7.31 7.83 13.57
N ASP A 61 6.12 7.61 14.15
CA ASP A 61 5.92 7.72 15.59
C ASP A 61 6.47 6.56 16.46
N LEU A 62 6.97 5.50 15.85
CA LEU A 62 7.37 4.31 16.51
C LEU A 62 8.91 4.00 16.62
N PHE A 63 9.70 4.31 15.60
CA PHE A 63 11.14 4.02 15.60
C PHE A 63 11.86 5.28 15.20
N HIS A 64 13.07 5.48 15.71
CA HIS A 64 13.86 6.59 15.25
C HIS A 64 14.54 5.99 14.04
N ARG A 65 14.94 6.81 13.08
CA ARG A 65 15.59 6.25 11.90
C ARG A 65 16.54 7.19 11.20
N LEU A 66 17.58 6.60 10.64
CA LEU A 66 18.58 7.32 9.90
C LEU A 66 18.46 6.93 8.45
N GLU A 67 18.40 7.93 7.58
CA GLU A 67 18.25 7.68 6.13
C GLU A 67 19.51 8.05 5.46
N LYS A 68 19.92 7.22 4.50
CA LYS A 68 21.06 7.48 3.65
C LYS A 68 20.71 7.22 2.19
N PRO A 69 21.54 7.75 1.30
CA PRO A 69 21.32 7.35 -0.09
C PRO A 69 21.46 5.86 -0.24
N ASN A 70 20.61 5.29 -1.06
CA ASN A 70 20.77 3.88 -1.43
C ASN A 70 22.19 3.64 -1.98
N PRO A 71 22.98 2.70 -1.39
CA PRO A 71 24.33 2.49 -1.89
C PRO A 71 24.37 1.86 -3.30
N HIS A 72 23.28 1.22 -3.74
CA HIS A 72 23.18 0.73 -5.11
C HIS A 72 23.02 1.81 -6.13
N SER A 73 22.30 2.88 -5.79
CA SER A 73 22.14 4.06 -6.71
C SER A 73 21.33 5.12 -5.97
N GLY A 74 21.73 6.38 -6.13
CA GLY A 74 21.02 7.46 -5.49
C GLY A 74 19.65 7.75 -6.09
N THR A 75 19.37 7.17 -7.24
CA THR A 75 18.06 7.22 -7.82
C THR A 75 17.14 6.16 -7.22
N PHE A 76 17.65 5.20 -6.44
CA PHE A 76 16.80 4.20 -5.76
C PHE A 76 16.34 4.78 -4.41
N ALA A 77 15.30 4.16 -3.87
CA ALA A 77 14.72 4.57 -2.65
C ALA A 77 15.78 4.63 -1.50
N ARG A 78 15.62 5.62 -0.62
CA ARG A 78 16.60 5.85 0.42
C ARG A 78 16.77 4.60 1.33
N MET A 79 18.01 4.30 1.66
CA MET A 79 18.33 3.36 2.72
C MET A 79 17.83 3.88 4.07
N GLN A 80 17.19 2.99 4.82
CA GLN A 80 16.73 3.34 6.16
C GLN A 80 17.42 2.50 7.21
N LEU A 81 18.06 3.15 8.19
CA LEU A 81 18.76 2.51 9.33
C LEU A 81 18.06 2.64 10.69
N PHE A 82 17.87 1.51 11.36
CA PHE A 82 17.23 1.41 12.68
C PHE A 82 18.26 0.88 13.72
N VAL A 83 18.10 1.31 14.98
CA VAL A 83 18.95 0.85 16.04
C VAL A 83 18.41 -0.45 16.70
N ARG A 84 19.28 -1.46 16.80
CA ARG A 84 18.85 -2.78 17.19
C ARG A 84 18.04 -2.81 18.52
N CYS A 85 18.41 -2.04 19.53
CA CYS A 85 17.67 -2.07 20.80
C CYS A 85 16.18 -1.69 20.63
N GLU A 86 15.90 -0.67 19.84
CA GLU A 86 14.54 -0.28 19.58
C GLU A 86 13.72 -1.32 18.81
N VAL A 87 14.27 -1.77 17.69
CA VAL A 87 13.62 -2.81 16.92
C VAL A 87 13.47 -4.13 17.67
N GLU A 88 14.51 -4.55 18.38
CA GLU A 88 14.43 -5.75 19.23
C GLU A 88 13.35 -5.64 20.31
N ALA A 89 13.31 -4.50 21.00
CA ALA A 89 12.33 -4.29 22.07
C ALA A 89 10.93 -4.34 21.48
N PHE A 90 10.70 -3.67 20.35
CA PHE A 90 9.38 -3.79 19.70
C PHE A 90 9.06 -5.25 19.27
N ALA A 91 10.04 -5.98 18.69
CA ALA A 91 9.79 -7.34 18.24
C ALA A 91 9.48 -8.29 19.36
N PHE A 92 10.15 -8.12 20.53
CA PHE A 92 9.89 -8.91 21.76
C PHE A 92 8.50 -8.70 22.34
N LYS A 93 8.05 -7.44 22.42
CA LYS A 93 6.67 -7.18 22.72
C LYS A 93 5.74 -7.82 21.69
N LYS A 94 6.11 -7.78 20.41
CA LYS A 94 5.25 -8.31 19.33
C LYS A 94 5.08 -9.80 19.40
N TRP A 95 6.19 -10.52 19.39
CA TRP A 95 6.14 -11.97 19.38
C TRP A 95 6.28 -12.63 20.74
N GLY A 96 6.58 -11.84 21.76
CA GLY A 96 6.74 -12.38 23.10
C GLY A 96 8.13 -12.86 23.44
N GLY A 97 9.00 -11.93 23.81
CA GLY A 97 10.37 -12.25 24.19
C GLY A 97 11.19 -12.94 23.12
N GLU A 98 12.43 -13.27 23.45
CA GLU A 98 13.29 -13.92 22.47
C GLU A 98 12.79 -15.32 22.03
N GLU A 99 12.06 -16.01 22.92
CA GLU A 99 11.51 -17.35 22.63
C GLU A 99 10.37 -17.28 21.62
N GLY A 100 9.42 -16.38 21.87
CA GLY A 100 8.39 -16.06 20.88
C GLY A 100 8.91 -15.79 19.48
N LEU A 101 10.00 -15.03 19.41
CA LEU A 101 10.66 -14.74 18.15
C LEU A 101 11.23 -16.01 17.52
N ASP A 102 11.95 -16.79 18.33
CA ASP A 102 12.53 -18.05 17.86
C ASP A 102 11.43 -19.02 17.42
N GLU A 103 10.30 -19.06 18.14
CA GLU A 103 9.16 -19.91 17.70
C GLU A 103 8.60 -19.45 16.36
N GLU A 104 8.55 -18.14 16.15
CA GLU A 104 8.09 -17.62 14.85
C GLU A 104 9.12 -17.92 13.75
N TRP A 105 10.43 -17.90 14.07
CA TRP A 105 11.51 -18.32 13.13
C TRP A 105 11.21 -19.73 12.64
N GLN A 106 11.10 -20.65 13.60
CA GLN A 106 10.74 -22.03 13.33
C GLN A 106 9.55 -22.09 12.40
N ARG A 107 8.46 -21.50 12.85
CA ARG A 107 7.20 -21.47 12.12
C ARG A 107 7.29 -21.16 10.64
N ARG A 108 8.26 -20.36 10.22
CA ARG A 108 8.39 -20.00 8.80
C ARG A 108 9.19 -20.99 7.96
N GLU A 109 10.18 -21.64 8.58
CA GLU A 109 10.98 -22.66 7.91
C GLU A 109 10.08 -23.82 7.46
N GLU A 110 9.22 -24.27 8.37
CA GLU A 110 8.14 -25.21 8.04
C GLU A 110 7.31 -24.74 6.85
N GLY A 111 6.93 -23.46 6.85
CA GLY A 111 6.25 -22.84 5.70
C GLY A 111 7.01 -22.97 4.37
N LYS A 112 8.25 -22.44 4.34
CA LYS A 112 9.17 -22.54 3.17
C LYS A 112 9.41 -23.99 2.73
N ALA A 113 9.70 -24.87 3.68
CA ALA A 113 9.77 -26.33 3.42
C ALA A 113 8.48 -26.82 2.71
N HIS A 114 7.35 -26.82 3.44
CA HIS A 114 6.00 -27.11 2.88
C HIS A 114 5.86 -26.57 1.44
N ARG A 115 6.03 -25.25 1.29
CA ARG A 115 5.77 -24.53 0.04
C ARG A 115 6.89 -24.76 -0.99
N ALA B 2 -26.61 24.55 -30.91
CA ALA B 2 -27.48 23.61 -30.13
C ALA B 2 -26.95 22.12 -30.17
N PRO B 3 -25.89 21.81 -29.40
CA PRO B 3 -25.28 20.45 -29.37
C PRO B 3 -26.15 19.32 -28.81
N LYS B 4 -26.13 18.18 -29.51
CA LYS B 4 -27.05 17.05 -29.25
C LYS B 4 -26.35 15.84 -28.61
N CYS B 5 -27.08 15.19 -27.69
CA CYS B 5 -26.75 13.89 -27.15
C CYS B 5 -26.29 12.95 -28.22
N ILE B 6 -25.11 12.37 -28.03
CA ILE B 6 -24.52 11.46 -29.02
C ILE B 6 -25.27 10.17 -29.18
N GLU B 7 -26.18 9.89 -28.26
CA GLU B 7 -26.93 8.65 -28.33
C GLU B 7 -28.24 8.80 -29.08
N CYS B 8 -29.06 9.75 -28.68
CA CYS B 8 -30.35 9.95 -29.34
C CYS B 8 -30.35 10.97 -30.47
N HIS B 9 -29.39 11.88 -30.45
CA HIS B 9 -29.24 12.99 -31.43
C HIS B 9 -30.37 14.02 -31.39
N ILE B 10 -31.03 14.10 -30.23
CA ILE B 10 -32.23 14.86 -30.08
C ILE B 10 -32.15 15.79 -28.92
N ASN B 11 -31.96 15.24 -27.70
CA ASN B 11 -31.91 16.05 -26.49
C ASN B 11 -30.74 17.01 -26.52
N ILE B 12 -31.01 18.18 -25.97
CA ILE B 12 -30.03 19.25 -25.85
C ILE B 12 -29.47 19.32 -24.43
N GLU B 13 -30.11 18.65 -23.45
CA GLU B 13 -29.74 18.75 -22.02
C GLU B 13 -29.04 17.48 -21.65
N MET B 14 -27.77 17.59 -21.30
CA MET B 14 -26.93 16.46 -20.98
C MET B 14 -27.08 16.07 -19.51
N ASP B 15 -26.93 14.79 -19.24
CA ASP B 15 -26.93 14.33 -17.85
C ASP B 15 -25.80 15.11 -17.14
N PRO B 16 -26.11 15.83 -16.03
CA PRO B 16 -25.07 16.66 -15.42
C PRO B 16 -23.88 15.86 -14.89
N VAL B 17 -24.08 14.67 -14.34
CA VAL B 17 -22.94 13.84 -13.93
C VAL B 17 -22.11 13.30 -15.08
N LEU B 18 -22.76 12.65 -16.03
CA LEU B 18 -22.02 12.10 -17.18
C LEU B 18 -21.29 13.15 -17.99
N HIS B 19 -21.78 14.35 -17.98
CA HIS B 19 -21.18 15.39 -18.75
C HIS B 19 -20.07 16.11 -18.00
N ASP B 20 -20.40 16.62 -16.83
CA ASP B 20 -19.41 17.38 -16.00
C ASP B 20 -18.32 16.52 -15.45
N VAL B 21 -18.66 15.32 -15.01
CA VAL B 21 -17.68 14.45 -14.40
C VAL B 21 -17.06 13.54 -15.40
N PHE B 22 -17.84 12.89 -16.27
CA PHE B 22 -17.26 11.88 -17.18
C PHE B 22 -17.04 12.40 -18.62
N LYS B 23 -17.35 13.66 -18.89
CA LYS B 23 -17.07 14.26 -20.23
C LYS B 23 -17.86 13.61 -21.36
N LEU B 24 -19.06 13.19 -21.10
CA LEU B 24 -19.85 12.41 -22.06
C LEU B 24 -21.05 13.26 -22.37
N GLN B 25 -21.24 13.48 -23.63
CA GLN B 25 -22.33 14.27 -24.15
C GLN B 25 -23.57 13.38 -24.31
N VAL B 26 -24.14 12.95 -23.17
CA VAL B 26 -25.31 12.02 -23.12
C VAL B 26 -26.36 12.52 -22.16
N CYS B 27 -27.63 12.42 -22.60
CA CYS B 27 -28.77 12.87 -21.83
C CYS B 27 -29.08 11.81 -20.79
N LYS B 28 -29.78 12.20 -19.73
CA LYS B 28 -30.11 11.31 -18.64
C LYS B 28 -30.94 10.17 -19.18
N GLN B 29 -31.92 10.46 -20.03
CA GLN B 29 -32.77 9.35 -20.56
C GLN B 29 -31.96 8.27 -21.32
N CYS B 30 -31.09 8.67 -22.23
CA CYS B 30 -30.19 7.74 -22.89
C CYS B 30 -29.20 6.98 -21.92
N SER B 31 -28.69 7.64 -20.87
CA SER B 31 -27.92 6.89 -19.83
C SER B 31 -28.75 5.73 -19.25
N LYS B 32 -30.00 5.96 -18.89
CA LYS B 32 -30.82 4.84 -18.37
C LYS B 32 -31.14 3.76 -19.39
N GLU B 33 -31.26 4.14 -20.65
CA GLU B 33 -31.56 3.18 -21.72
C GLU B 33 -30.31 2.39 -22.20
N HIS B 34 -29.11 2.85 -21.86
CA HIS B 34 -27.91 2.11 -22.23
C HIS B 34 -26.99 1.92 -21.04
N PRO B 35 -27.39 1.09 -20.07
CA PRO B 35 -26.54 0.83 -18.91
C PRO B 35 -25.23 0.13 -19.26
N GLU B 36 -25.21 -0.60 -20.37
CA GLU B 36 -24.02 -1.30 -20.85
C GLU B 36 -22.87 -0.33 -21.18
N LYS B 37 -23.20 0.94 -21.44
CA LYS B 37 -22.18 2.01 -21.57
C LYS B 37 -22.06 2.95 -20.37
N TYR B 38 -23.20 3.28 -19.73
CA TYR B 38 -23.31 4.48 -18.88
C TYR B 38 -23.58 4.22 -17.41
N ALA B 39 -23.76 2.96 -17.02
CA ALA B 39 -23.97 2.60 -15.63
C ALA B 39 -22.78 3.03 -14.81
N LEU B 40 -23.02 3.50 -13.59
CA LEU B 40 -21.93 3.89 -12.67
C LEU B 40 -21.65 2.73 -11.73
N LEU B 41 -20.41 2.35 -11.59
CA LEU B 41 -20.04 1.17 -10.79
C LEU B 41 -19.14 1.61 -9.66
N THR B 42 -19.32 1.01 -8.51
CA THR B 42 -18.48 1.34 -7.40
C THR B 42 -17.10 0.80 -7.66
N LYS B 43 -16.17 1.26 -6.83
CA LYS B 43 -14.86 0.74 -6.87
C LYS B 43 -14.83 -0.80 -6.69
N THR B 44 -15.58 -1.27 -5.69
CA THR B 44 -15.68 -2.69 -5.46
C THR B 44 -16.27 -3.51 -6.65
N GLU B 45 -17.32 -2.98 -7.30
CA GLU B 45 -17.97 -3.68 -8.46
C GLU B 45 -16.98 -3.74 -9.61
N CYS B 46 -16.15 -2.68 -9.78
CA CYS B 46 -15.02 -2.72 -10.74
C CYS B 46 -13.97 -3.79 -10.52
N LYS B 47 -13.65 -4.09 -9.27
CA LYS B 47 -12.70 -5.18 -9.00
C LYS B 47 -13.35 -6.57 -9.23
N GLU B 48 -14.62 -6.70 -8.82
CA GLU B 48 -15.37 -7.97 -8.95
C GLU B 48 -15.65 -8.27 -10.38
N ASP B 49 -16.13 -7.27 -11.10
CA ASP B 49 -16.63 -7.49 -12.45
C ASP B 49 -15.51 -7.53 -13.47
N TYR B 50 -14.52 -6.65 -13.33
CA TYR B 50 -13.46 -6.48 -14.33
C TYR B 50 -12.01 -6.82 -13.91
N PHE B 51 -11.82 -7.29 -12.69
CA PHE B 51 -10.50 -7.65 -12.14
C PHE B 51 -9.46 -6.58 -12.29
N LEU B 52 -9.87 -5.34 -12.06
CA LEU B 52 -8.95 -4.22 -12.01
C LEU B 52 -8.45 -4.11 -10.59
N THR B 53 -7.28 -3.53 -10.40
CA THR B 53 -6.61 -3.45 -9.08
C THR B 53 -6.73 -2.08 -8.48
N ASP B 54 -6.45 -1.97 -7.21
CA ASP B 54 -6.46 -0.65 -6.56
C ASP B 54 -5.54 0.30 -7.29
N PRO B 55 -4.34 -0.18 -7.67
CA PRO B 55 -3.46 0.76 -8.37
C PRO B 55 -4.02 1.28 -9.68
N GLU B 56 -4.78 0.46 -10.37
CA GLU B 56 -5.39 0.94 -11.62
C GLU B 56 -6.48 1.99 -11.35
N LEU B 57 -7.37 1.66 -10.45
CA LEU B 57 -8.54 2.49 -10.13
C LEU B 57 -8.22 3.74 -9.36
N ASN B 58 -7.07 3.74 -8.67
CA ASN B 58 -6.55 4.89 -7.93
C ASN B 58 -5.77 5.83 -8.85
N ASP B 59 -5.50 5.44 -10.09
CA ASP B 59 -4.81 6.29 -10.98
C ASP B 59 -5.78 7.37 -11.40
N GLU B 60 -5.49 8.59 -10.90
CA GLU B 60 -6.26 9.81 -11.21
C GLU B 60 -6.16 10.18 -12.69
N ASP B 61 -5.05 9.82 -13.34
CA ASP B 61 -4.85 10.11 -14.79
C ASP B 61 -5.53 9.14 -15.79
N LEU B 62 -6.17 8.09 -15.28
CA LEU B 62 -6.67 6.99 -16.09
C LEU B 62 -8.22 6.78 -16.14
N PHE B 63 -8.96 7.18 -15.12
CA PHE B 63 -10.43 7.06 -15.14
C PHE B 63 -10.99 8.34 -14.58
N HIS B 64 -12.13 8.79 -15.11
CA HIS B 64 -12.88 9.86 -14.40
C HIS B 64 -13.55 9.17 -13.22
N ARG B 65 -13.81 9.86 -12.11
CA ARG B 65 -14.52 9.19 -11.03
C ARG B 65 -15.44 10.17 -10.32
N LEU B 66 -16.63 9.73 -9.92
CA LEU B 66 -17.43 10.53 -9.04
C LEU B 66 -17.29 9.99 -7.61
N GLU B 67 -17.16 10.87 -6.64
CA GLU B 67 -17.06 10.45 -5.22
C GLU B 67 -18.26 10.89 -4.48
N LYS B 68 -18.75 10.04 -3.60
CA LYS B 68 -19.89 10.35 -2.78
C LYS B 68 -19.61 9.90 -1.32
N PRO B 69 -20.42 10.40 -0.38
CA PRO B 69 -20.25 9.88 0.97
C PRO B 69 -20.59 8.39 1.02
N ASN B 70 -19.83 7.64 1.82
CA ASN B 70 -20.08 6.21 1.95
C ASN B 70 -21.50 6.04 2.46
N PRO B 71 -22.34 5.27 1.77
CA PRO B 71 -23.68 5.14 2.27
C PRO B 71 -23.78 4.39 3.60
N HIS B 72 -22.81 3.58 3.97
CA HIS B 72 -22.88 2.92 5.25
C HIS B 72 -22.58 3.89 6.39
N SER B 73 -21.76 4.89 6.12
CA SER B 73 -21.40 5.91 7.11
C SER B 73 -20.47 6.98 6.57
N GLY B 74 -20.74 8.24 6.93
CA GLY B 74 -19.95 9.38 6.52
C GLY B 74 -18.52 9.32 7.01
N THR B 75 -18.31 8.61 8.10
CA THR B 75 -16.99 8.41 8.66
C THR B 75 -16.22 7.35 7.89
N PHE B 76 -16.84 6.54 7.04
CA PHE B 76 -16.09 5.53 6.28
C PHE B 76 -15.55 6.22 5.01
N ALA B 77 -14.58 5.55 4.38
CA ALA B 77 -13.96 5.97 3.15
C ALA B 77 -15.02 6.26 2.03
N ARG B 78 -14.78 7.31 1.29
CA ARG B 78 -15.74 7.76 0.28
C ARG B 78 -15.97 6.68 -0.76
N MET B 79 -17.22 6.53 -1.13
CA MET B 79 -17.64 5.79 -2.31
C MET B 79 -17.09 6.44 -3.58
N GLN B 80 -16.60 5.60 -4.46
CA GLN B 80 -16.10 6.03 -5.73
C GLN B 80 -16.86 5.34 -6.85
N LEU B 81 -17.42 6.12 -7.77
CA LEU B 81 -18.27 5.68 -8.91
C LEU B 81 -17.51 5.87 -10.23
N PHE B 82 -17.40 4.81 -11.01
CA PHE B 82 -16.79 4.82 -12.35
C PHE B 82 -17.86 4.55 -13.43
N VAL B 83 -17.66 5.09 -14.62
CA VAL B 83 -18.57 4.85 -15.76
C VAL B 83 -18.12 3.56 -16.51
N ARG B 84 -19.08 2.65 -16.72
CA ARG B 84 -18.80 1.34 -17.28
C ARG B 84 -18.04 1.37 -18.61
N CYS B 85 -18.36 2.28 -19.52
CA CYS B 85 -17.62 2.35 -20.82
C CYS B 85 -16.07 2.55 -20.62
N GLU B 86 -15.63 3.38 -19.68
CA GLU B 86 -14.19 3.58 -19.48
C GLU B 86 -13.53 2.37 -18.86
N VAL B 87 -14.10 1.94 -17.76
CA VAL B 87 -13.72 0.73 -17.05
C VAL B 87 -13.68 -0.52 -17.95
N GLU B 88 -14.77 -0.76 -18.69
CA GLU B 88 -14.81 -1.86 -19.65
C GLU B 88 -13.72 -1.78 -20.73
N ALA B 89 -13.53 -0.59 -21.28
CA ALA B 89 -12.49 -0.40 -22.29
C ALA B 89 -11.08 -0.65 -21.75
N PHE B 90 -10.79 -0.25 -20.52
CA PHE B 90 -9.49 -0.54 -19.97
C PHE B 90 -9.36 -2.05 -19.71
N ALA B 91 -10.40 -2.69 -19.16
CA ALA B 91 -10.39 -4.13 -18.91
C ALA B 91 -10.28 -4.96 -20.15
N PHE B 92 -10.93 -4.54 -21.25
CA PHE B 92 -10.73 -5.19 -22.56
C PHE B 92 -9.28 -5.13 -23.12
N LYS B 93 -8.59 -4.01 -22.95
CA LYS B 93 -7.17 -3.93 -23.23
C LYS B 93 -6.35 -4.81 -22.31
N LYS B 94 -6.65 -4.77 -21.02
CA LYS B 94 -5.90 -5.52 -20.03
C LYS B 94 -5.96 -7.00 -20.30
N TRP B 95 -7.17 -7.54 -20.37
CA TRP B 95 -7.40 -8.96 -20.53
C TRP B 95 -7.63 -9.45 -21.95
N GLY B 96 -7.38 -8.59 -22.92
CA GLY B 96 -7.60 -8.95 -24.30
C GLY B 96 -9.01 -9.24 -24.77
N GLY B 97 -9.88 -8.25 -24.69
CA GLY B 97 -11.26 -8.35 -25.16
C GLY B 97 -12.28 -8.97 -24.27
N GLU B 98 -13.52 -9.09 -24.73
CA GLU B 98 -14.50 -9.70 -23.87
C GLU B 98 -14.13 -11.16 -23.56
N GLU B 99 -13.66 -11.92 -24.57
CA GLU B 99 -13.30 -13.35 -24.39
C GLU B 99 -12.21 -13.58 -23.32
N GLY B 100 -11.16 -12.77 -23.34
CA GLY B 100 -10.10 -12.85 -22.32
C GLY B 100 -10.54 -12.56 -20.90
N LEU B 101 -11.52 -11.66 -20.77
CA LEU B 101 -12.11 -11.38 -19.49
C LEU B 101 -12.85 -12.59 -18.98
N ASP B 102 -13.65 -13.23 -19.84
CA ASP B 102 -14.29 -14.52 -19.48
C ASP B 102 -13.26 -15.60 -19.13
N GLU B 103 -12.20 -15.72 -19.93
CA GLU B 103 -11.14 -16.72 -19.69
C GLU B 103 -10.46 -16.49 -18.32
N GLU B 104 -10.32 -15.22 -17.93
CA GLU B 104 -9.82 -14.86 -16.60
C GLU B 104 -10.87 -15.16 -15.49
N TRP B 105 -12.16 -14.89 -15.78
CA TRP B 105 -13.31 -15.25 -14.90
C TRP B 105 -13.18 -16.72 -14.61
N GLN B 106 -13.12 -17.50 -15.69
CA GLN B 106 -13.06 -18.97 -15.66
C GLN B 106 -12.00 -19.46 -14.69
N ARG B 107 -10.81 -18.89 -14.79
CA ARG B 107 -9.68 -19.40 -14.04
C ARG B 107 -9.74 -19.16 -12.54
N ARG B 108 -10.37 -18.07 -12.11
CA ARG B 108 -10.49 -17.80 -10.65
C ARG B 108 -11.50 -18.74 -9.96
N GLU B 109 -12.55 -19.17 -10.68
CA GLU B 109 -13.53 -20.16 -10.18
C GLU B 109 -12.84 -21.49 -9.86
N GLU B 110 -12.02 -21.95 -10.81
CA GLU B 110 -11.12 -23.10 -10.64
C GLU B 110 -10.21 -22.95 -9.41
N GLY B 111 -9.70 -21.74 -9.16
CA GLY B 111 -8.94 -21.45 -7.93
C GLY B 111 -9.72 -21.58 -6.63
N LYS B 112 -10.95 -21.00 -6.60
CA LYS B 112 -11.89 -21.06 -5.45
C LYS B 112 -12.82 -22.31 -5.42
N ALA B 113 -12.57 -23.28 -6.30
CA ALA B 113 -12.90 -24.68 -6.04
C ALA B 113 -11.64 -25.33 -5.44
N HIS B 114 -10.49 -25.13 -6.10
CA HIS B 114 -9.14 -25.61 -5.65
C HIS B 114 -8.76 -25.28 -4.17
N ARG B 115 -9.12 -24.08 -3.70
CA ARG B 115 -8.90 -23.69 -2.30
C ARG B 115 -10.08 -24.16 -1.38
N ARG B 116 -10.13 -25.48 -1.11
CA ARG B 116 -11.18 -26.19 -0.34
C ARG B 116 -12.54 -25.50 -0.25
P 6FK C 8 -1.72 -11.65 -10.74
OP1 6FK C 8 -1.19 -12.62 -11.78
O5' 6FK C 8 -2.04 -12.40 -9.34
C5' 6FK C 8 -3.30 -12.25 -8.71
C4' 6FK C 8 -3.31 -12.78 -7.28
C3' 6FK C 8 -4.59 -12.36 -6.62
O3' 6FK C 8 -5.64 -13.27 -6.88
C2' 6FK C 8 -4.30 -12.31 -5.15
C1' 6FK C 8 -2.82 -12.04 -5.08
O4' 6FK C 8 -2.31 -12.24 -6.41
N9 6FK C 8 -2.69 -10.65 -4.58
C4 6FK C 8 -3.13 -9.51 -5.12
C5 6FK C 8 -2.74 -8.42 -4.18
N7 6FK C 8 -2.11 -8.96 -3.14
C8 6FK C 8 -2.13 -10.27 -3.43
N3 6FK C 8 -3.78 -9.19 -6.25
C2 6FK C 8 -4.06 -7.91 -6.51
N2 6FK C 8 -4.71 -7.63 -7.65
N1 6FK C 8 -3.75 -6.87 -5.72
C6 6FK C 8 -3.11 -7.05 -4.56
O6 6FK C 8 -2.81 -6.08 -3.83
N4 6FK C 8 -1.57 -11.18 -2.62
C9 6FK C 8 -1.63 -12.46 -3.00
C10 6FK C 8 -2.78 -13.23 -2.45
O11 6FK C 8 -0.81 -12.96 -3.75
C12 6FK C 8 -0.96 -10.72 -1.43
C13 6FK C 8 -0.80 -11.57 -0.33
C14 6FK C 8 -0.20 -11.11 0.84
C15 6FK C 8 0.27 -9.80 0.94
C16 6FK C 8 0.12 -8.96 -0.16
C17 6FK C 8 -0.49 -9.41 -1.33
OP2 6FK C 8 -2.90 -10.85 -11.25
P 6FK E 8 1.86 -12.23 8.91
OP1 6FK E 8 2.04 -12.82 10.27
O5' 6FK E 8 1.88 -13.33 7.73
C5' 6FK E 8 2.57 -13.04 6.53
C4' 6FK E 8 2.10 -13.92 5.37
C3' 6FK E 8 3.18 -14.03 4.33
O3' 6FK E 8 4.02 -15.17 4.57
C2' 6FK E 8 2.44 -14.12 3.01
C1' 6FK E 8 1.08 -13.54 3.27
O4' 6FK E 8 0.94 -13.41 4.69
N9 6FK E 8 0.99 -12.20 2.65
C4 6FK E 8 1.54 -11.07 3.12
C5 6FK E 8 1.16 -9.97 2.21
N7 6FK E 8 0.41 -10.51 1.22
C8 6FK E 8 0.35 -11.83 1.53
N3 6FK E 8 2.30 -10.77 4.20
C2 6FK E 8 2.71 -9.49 4.42
N2 6FK E 8 3.47 -9.26 5.52
N1 6FK E 8 2.40 -8.45 3.60
C6 6FK E 8 1.65 -8.62 2.51
O6 6FK E 8 1.37 -7.65 1.76
N4 6FK E 8 -0.36 -12.70 0.75
C9 6FK E 8 -0.82 -13.82 1.27
C10 6FK E 8 -1.62 -13.69 2.55
O11 6FK E 8 -0.62 -14.86 0.68
C12 6FK E 8 -0.69 -12.44 -0.59
C13 6FK E 8 -0.58 -13.45 -1.55
C14 6FK E 8 -0.93 -13.18 -2.88
C15 6FK E 8 -1.40 -11.93 -3.25
C16 6FK E 8 -1.53 -10.92 -2.30
C17 6FK E 8 -1.18 -11.18 -0.97
OP2 6FK E 8 2.86 -11.12 8.63
ZN ZN G . 31.06 4.57 26.40
ZN ZN H . -30.07 11.16 -25.56
#